data_9O7K
# 
_entry.id   9O7K 
# 
_audit_conform.dict_name       mmcif_pdbx.dic 
_audit_conform.dict_version    5.404 
_audit_conform.dict_location   http://mmcif.pdb.org/dictionaries/ascii/mmcif_pdbx.dic 
# 
loop_
_database_2.database_id 
_database_2.database_code 
_database_2.pdbx_database_accession 
_database_2.pdbx_DOI 
PDB   9O7K         pdb_00009o7k 10.2210/pdb9o7k/pdb 
WWPDB D_1000294879 ?            ?                   
EMDB  EMD-70202    ?            ?                   
# 
loop_
_pdbx_audit_revision_history.ordinal 
_pdbx_audit_revision_history.data_content_type 
_pdbx_audit_revision_history.major_revision 
_pdbx_audit_revision_history.minor_revision 
_pdbx_audit_revision_history.revision_date 
_pdbx_audit_revision_history.part_number 
1 'Structure model' 1 0 2025-07-30 ? 
2 'Structure model' 1 1 2025-09-03 ? 
# 
_pdbx_audit_revision_details.ordinal             1 
_pdbx_audit_revision_details.revision_ordinal    1 
_pdbx_audit_revision_details.data_content_type   'Structure model' 
_pdbx_audit_revision_details.provider            repository 
_pdbx_audit_revision_details.type                'Initial release' 
_pdbx_audit_revision_details.description         ? 
_pdbx_audit_revision_details.details             ? 
# 
loop_
_pdbx_audit_revision_group.ordinal 
_pdbx_audit_revision_group.revision_ordinal 
_pdbx_audit_revision_group.data_content_type 
_pdbx_audit_revision_group.group 
1 2 'Structure model' 'Data collection'     
2 2 'Structure model' 'Database references' 
# 
loop_
_pdbx_audit_revision_category.ordinal 
_pdbx_audit_revision_category.revision_ordinal 
_pdbx_audit_revision_category.data_content_type 
_pdbx_audit_revision_category.category 
1 2 'Structure model' citation        
2 2 'Structure model' citation_author 
3 2 'Structure model' em_admin        
# 
loop_
_pdbx_audit_revision_item.ordinal 
_pdbx_audit_revision_item.revision_ordinal 
_pdbx_audit_revision_item.data_content_type 
_pdbx_audit_revision_item.item 
1 2 'Structure model' '_citation.journal_volume'          
2 2 'Structure model' '_citation_author.identifier_ORCID' 
3 2 'Structure model' '_em_admin.last_update'             
# 
_pdbx_database_status.status_code                     REL 
_pdbx_database_status.status_code_sf                  ? 
_pdbx_database_status.status_code_mr                  ? 
_pdbx_database_status.entry_id                        9O7K 
_pdbx_database_status.recvd_initial_deposition_date   2025-04-15 
_pdbx_database_status.SG_entry                        N 
_pdbx_database_status.deposit_site                    RCSB 
_pdbx_database_status.process_site                    RCSB 
_pdbx_database_status.status_code_cs                  ? 
_pdbx_database_status.status_code_nmr_data            ? 
_pdbx_database_status.methods_development_category    ? 
_pdbx_database_status.pdb_format_compatible           N 
# 
_pdbx_database_related.db_name        EMDB 
_pdbx_database_related.details        'Cryo-EM of pi-conjugated Peptide 2 (9 strands)' 
_pdbx_database_related.db_id          EMD-70202 
_pdbx_database_related.content_type   'associated EM volume' 
# 
_pdbx_contact_author.id                 2 
_pdbx_contact_author.email              fw2@uab.edu 
_pdbx_contact_author.name_first         Fengbin 
_pdbx_contact_author.name_last          Wang 
_pdbx_contact_author.name_mi            ? 
_pdbx_contact_author.role               'principal investigator/group leader' 
_pdbx_contact_author.identifier_ORCID   0000-0003-1008-663X 
# 
loop_
_audit_author.name 
_audit_author.pdbx_ordinal 
_audit_author.identifier_ORCID 
'Rich-New, S.T.' 1 ? 
'Wang, R.'       2 ? 
'Zia, A.'        3 ? 
'Tovar, J.D.'    4 ? 
'Wang, F.'       5 ? 
# 
_citation.abstract                  ? 
_citation.abstract_id_CAS           ? 
_citation.book_id_ISBN              ? 
_citation.book_publisher            ? 
_citation.book_publisher_city       ? 
_citation.book_title                ? 
_citation.coordinate_linkage        ? 
_citation.country                   ? 
_citation.database_id_Medline       ? 
_citation.details                   ? 
_citation.id                        primary 
_citation.journal_abbrev            'ACS Macro Lett' 
_citation.journal_id_ASTM           ? 
_citation.journal_id_CSD            ? 
_citation.journal_id_ISSN           2161-1653 
_citation.journal_full              ? 
_citation.journal_issue             ? 
_citation.journal_volume            14 
_citation.language                  ? 
_citation.page_first                1100 
_citation.page_last                 1106 
_citation.title                     
'Cryo-EM Visualization of Intermolecular pi-Electron Interactions within pi-Conjugated Peptidic Supramolecular Polymers.' 
_citation.year                      2025 
_citation.database_id_CSD           ? 
_citation.pdbx_database_id_DOI      10.1021/acsmacrolett.5c00360 
_citation.pdbx_database_id_PubMed   40686463 
_citation.pdbx_database_id_patent   ? 
_citation.unpublished_flag          ? 
# 
loop_
_citation_author.citation_id 
_citation_author.name 
_citation_author.ordinal 
_citation_author.identifier_ORCID 
primary 'Rich-New, S.T.' 1 ? 
primary 'Wang, R.'       2 ? 
primary 'Zia, A.'        3 ? 
primary 'Wang, F.'       4 ? 
primary 'Tovar, J.D.'    5 ? 
# 
loop_
_entity.id 
_entity.type 
_entity.src_method 
_entity.pdbx_description 
_entity.formula_weight 
_entity.pdbx_number_of_molecules 
_entity.pdbx_ec 
_entity.pdbx_mutation 
_entity.pdbx_fragment 
_entity.details 
1 polymer     syn 'pi-conjugated peptide'                                   473.520 6 ? ? ? ? 
2 non-polymer syn 
;2,2'-[thiophene-2,5-diyldi(4,1-phenylene)]diacetic acid
;
352.404 3 ? ? ? ? 
# 
_entity_poly.entity_id                      1 
_entity_poly.type                           'polypeptide(L)' 
_entity_poly.nstd_linkage                   no 
_entity_poly.nstd_monomer                   no 
_entity_poly.pdbx_seq_one_letter_code       GAVEV 
_entity_poly.pdbx_seq_one_letter_code_can   GAVEV 
_entity_poly.pdbx_strand_id                 A,D,B,F,C,H 
_entity_poly.pdbx_target_identifier         ? 
# 
_pdbx_entity_nonpoly.entity_id   2 
_pdbx_entity_nonpoly.name        
;2,2'-[thiophene-2,5-diyldi(4,1-phenylene)]diacetic acid
;
_pdbx_entity_nonpoly.comp_id     A1B9Z 
# 
loop_
_entity_poly_seq.entity_id 
_entity_poly_seq.num 
_entity_poly_seq.mon_id 
_entity_poly_seq.hetero 
1 1 GLY n 
1 2 ALA n 
1 3 VAL n 
1 4 GLU n 
1 5 VAL n 
# 
_pdbx_entity_src_syn.entity_id              1 
_pdbx_entity_src_syn.pdbx_src_id            1 
_pdbx_entity_src_syn.pdbx_alt_source_flag   sample 
_pdbx_entity_src_syn.pdbx_beg_seq_num       1 
_pdbx_entity_src_syn.pdbx_end_seq_num       5 
_pdbx_entity_src_syn.organism_scientific    'synthetic construct' 
_pdbx_entity_src_syn.organism_common_name   ? 
_pdbx_entity_src_syn.ncbi_taxonomy_id       32630 
_pdbx_entity_src_syn.details                ? 
# 
loop_
_chem_comp.id 
_chem_comp.type 
_chem_comp.mon_nstd_flag 
_chem_comp.name 
_chem_comp.pdbx_synonyms 
_chem_comp.formula 
_chem_comp.formula_weight 
A1B9Z non-polymer         . 
;2,2'-[thiophene-2,5-diyldi(4,1-phenylene)]diacetic acid
;
? 'C20 H16 O4 S' 352.404 
ALA   'L-peptide linking' y ALANINE                                                   ? 'C3 H7 N O2'   89.093  
GLU   'L-peptide linking' y 'GLUTAMIC ACID'                                           ? 'C5 H9 N O4'   147.129 
GLY   'peptide linking'   y GLYCINE                                                   ? 'C2 H5 N O2'   75.067  
VAL   'L-peptide linking' y VALINE                                                    ? 'C5 H11 N O2'  117.146 
# 
loop_
_pdbx_poly_seq_scheme.asym_id 
_pdbx_poly_seq_scheme.entity_id 
_pdbx_poly_seq_scheme.seq_id 
_pdbx_poly_seq_scheme.mon_id 
_pdbx_poly_seq_scheme.ndb_seq_num 
_pdbx_poly_seq_scheme.pdb_seq_num 
_pdbx_poly_seq_scheme.auth_seq_num 
_pdbx_poly_seq_scheme.pdb_mon_id 
_pdbx_poly_seq_scheme.auth_mon_id 
_pdbx_poly_seq_scheme.pdb_strand_id 
_pdbx_poly_seq_scheme.pdb_ins_code 
_pdbx_poly_seq_scheme.hetero 
A 1 1 GLY 1 1  1  GLY GLY A . n 
A 1 2 ALA 2 2  2  ALA ALA A . n 
A 1 3 VAL 3 3  3  VAL VAL A . n 
A 1 4 GLU 4 4  4  GLU GLU A . n 
A 1 5 VAL 5 5  5  VAL VAL A . n 
B 1 1 GLY 1 10 10 GLY GLY D . n 
B 1 2 ALA 2 11 11 ALA ALA D . n 
B 1 3 VAL 3 12 12 VAL VAL D . n 
B 1 4 GLU 4 13 13 GLU GLU D . n 
B 1 5 VAL 5 14 14 VAL VAL D . n 
C 1 1 GLY 1 1  1  GLY GLY B . n 
C 1 2 ALA 2 2  2  ALA ALA B . n 
C 1 3 VAL 3 3  3  VAL VAL B . n 
C 1 4 GLU 4 4  4  GLU GLU B . n 
C 1 5 VAL 5 5  5  VAL VAL B . n 
D 1 1 GLY 1 10 10 GLY GLY F . n 
D 1 2 ALA 2 11 11 ALA ALA F . n 
D 1 3 VAL 3 12 12 VAL VAL F . n 
D 1 4 GLU 4 13 13 GLU GLU F . n 
D 1 5 VAL 5 14 14 VAL VAL F . n 
E 1 1 GLY 1 1  1  GLY GLY C . n 
E 1 2 ALA 2 2  2  ALA ALA C . n 
E 1 3 VAL 3 3  3  VAL VAL C . n 
E 1 4 GLU 4 4  4  GLU GLU C . n 
E 1 5 VAL 5 5  5  VAL VAL C . n 
F 1 1 GLY 1 10 10 GLY GLY H . n 
F 1 2 ALA 2 11 11 ALA ALA H . n 
F 1 3 VAL 3 12 12 VAL VAL H . n 
F 1 4 GLU 4 13 13 GLU GLU H . n 
F 1 5 VAL 5 14 14 VAL VAL H . n 
# 
_pdbx_entity_instance_feature.ordinal        1 
_pdbx_entity_instance_feature.comp_id        A1B9Z 
_pdbx_entity_instance_feature.asym_id        ? 
_pdbx_entity_instance_feature.seq_num        ? 
_pdbx_entity_instance_feature.auth_comp_id   A1B9Z 
_pdbx_entity_instance_feature.auth_asym_id   ? 
_pdbx_entity_instance_feature.auth_seq_num   ? 
_pdbx_entity_instance_feature.feature_type   'SUBJECT OF INVESTIGATION' 
_pdbx_entity_instance_feature.details        ? 
# 
loop_
_pdbx_nonpoly_scheme.asym_id 
_pdbx_nonpoly_scheme.entity_id 
_pdbx_nonpoly_scheme.mon_id 
_pdbx_nonpoly_scheme.ndb_seq_num 
_pdbx_nonpoly_scheme.pdb_seq_num 
_pdbx_nonpoly_scheme.auth_seq_num 
_pdbx_nonpoly_scheme.pdb_mon_id 
_pdbx_nonpoly_scheme.auth_mon_id 
_pdbx_nonpoly_scheme.pdb_strand_id 
_pdbx_nonpoly_scheme.pdb_ins_code 
G 2 A1B9Z 1 101 15 A1B9Z LR0 A . 
H 2 A1B9Z 1 101 15 A1B9Z LR0 B . 
I 2 A1B9Z 1 101 15 A1B9Z LR0 C . 
# 
_cell.angle_alpha                  90.00 
_cell.angle_alpha_esd              ? 
_cell.angle_beta                   90.00 
_cell.angle_beta_esd               ? 
_cell.angle_gamma                  90.00 
_cell.angle_gamma_esd              ? 
_cell.entry_id                     9O7K 
_cell.details                      ? 
_cell.formula_units_Z              ? 
_cell.length_a                     1.00 
_cell.length_a_esd                 ? 
_cell.length_b                     1.00 
_cell.length_b_esd                 ? 
_cell.length_c                     1.00 
_cell.length_c_esd                 ? 
_cell.volume                       ? 
_cell.volume_esd                   ? 
_cell.Z_PDB                        ? 
_cell.reciprocal_angle_alpha       ? 
_cell.reciprocal_angle_beta        ? 
_cell.reciprocal_angle_gamma       ? 
_cell.reciprocal_angle_alpha_esd   ? 
_cell.reciprocal_angle_beta_esd    ? 
_cell.reciprocal_angle_gamma_esd   ? 
_cell.reciprocal_length_a          ? 
_cell.reciprocal_length_b          ? 
_cell.reciprocal_length_c          ? 
_cell.reciprocal_length_a_esd      ? 
_cell.reciprocal_length_b_esd      ? 
_cell.reciprocal_length_c_esd      ? 
_cell.pdbx_unique_axis             ? 
_cell.pdbx_esd_method              ? 
# 
_symmetry.entry_id                         9O7K 
_symmetry.cell_setting                     ? 
_symmetry.Int_Tables_number                1 
_symmetry.space_group_name_Hall            ? 
_symmetry.space_group_name_H-M             'P 1' 
_symmetry.pdbx_full_space_group_name_H-M   ? 
# 
_exptl.absorpt_coefficient_mu     ? 
_exptl.absorpt_correction_T_max   ? 
_exptl.absorpt_correction_T_min   ? 
_exptl.absorpt_correction_type    ? 
_exptl.absorpt_process_details    ? 
_exptl.entry_id                   9O7K 
_exptl.crystals_number            ? 
_exptl.details                    ? 
_exptl.method                     'ELECTRON MICROSCOPY' 
_exptl.method_details             ? 
# 
_refine.aniso_B[1][1]                            ? 
_refine.aniso_B[1][2]                            ? 
_refine.aniso_B[1][3]                            ? 
_refine.aniso_B[2][2]                            ? 
_refine.aniso_B[2][3]                            ? 
_refine.aniso_B[3][3]                            ? 
_refine.B_iso_max                                ? 
_refine.B_iso_mean                               ? 
_refine.B_iso_min                                ? 
_refine.correlation_coeff_Fo_to_Fc               ? 
_refine.correlation_coeff_Fo_to_Fc_free          ? 
_refine.details                                  ? 
_refine.diff_density_max                         ? 
_refine.diff_density_max_esd                     ? 
_refine.diff_density_min                         ? 
_refine.diff_density_min_esd                     ? 
_refine.diff_density_rms                         ? 
_refine.diff_density_rms_esd                     ? 
_refine.entry_id                                 9O7K 
_refine.pdbx_refine_id                           'ELECTRON MICROSCOPY' 
_refine.ls_abs_structure_details                 ? 
_refine.ls_abs_structure_Flack                   ? 
_refine.ls_abs_structure_Flack_esd               ? 
_refine.ls_abs_structure_Rogers                  ? 
_refine.ls_abs_structure_Rogers_esd              ? 
_refine.ls_d_res_high                            . 
_refine.ls_d_res_low                             ? 
_refine.ls_extinction_coef                       ? 
_refine.ls_extinction_coef_esd                   ? 
_refine.ls_extinction_expression                 ? 
_refine.ls_extinction_method                     ? 
_refine.ls_goodness_of_fit_all                   ? 
_refine.ls_goodness_of_fit_all_esd               ? 
_refine.ls_goodness_of_fit_obs                   ? 
_refine.ls_goodness_of_fit_obs_esd               ? 
_refine.ls_hydrogen_treatment                    ? 
_refine.ls_matrix_type                           ? 
_refine.ls_number_constraints                    ? 
_refine.ls_number_parameters                     ? 
_refine.ls_number_reflns_all                     ? 
_refine.ls_number_reflns_obs                     ? 
_refine.ls_number_reflns_R_free                  ? 
_refine.ls_number_reflns_R_work                  ? 
_refine.ls_number_restraints                     ? 
_refine.ls_percent_reflns_obs                    ? 
_refine.ls_percent_reflns_R_free                 ? 
_refine.ls_R_factor_all                          ? 
_refine.ls_R_factor_obs                          ? 
_refine.ls_R_factor_R_free                       ? 
_refine.ls_R_factor_R_free_error                 ? 
_refine.ls_R_factor_R_free_error_details         ? 
_refine.ls_R_factor_R_work                       ? 
_refine.ls_R_Fsqd_factor_obs                     ? 
_refine.ls_R_I_factor_obs                        ? 
_refine.ls_redundancy_reflns_all                 ? 
_refine.ls_redundancy_reflns_obs                 ? 
_refine.ls_restrained_S_all                      ? 
_refine.ls_restrained_S_obs                      ? 
_refine.ls_shift_over_esd_max                    ? 
_refine.ls_shift_over_esd_mean                   ? 
_refine.ls_structure_factor_coef                 ? 
_refine.ls_weighting_details                     ? 
_refine.ls_weighting_scheme                      ? 
_refine.ls_wR_factor_all                         ? 
_refine.ls_wR_factor_obs                         ? 
_refine.ls_wR_factor_R_free                      ? 
_refine.ls_wR_factor_R_work                      ? 
_refine.occupancy_max                            ? 
_refine.occupancy_min                            ? 
_refine.solvent_model_details                    ? 
_refine.solvent_model_param_bsol                 ? 
_refine.solvent_model_param_ksol                 ? 
_refine.correlation_coeff_I_to_Fcsqd_work        ? 
_refine.correlation_coeff_I_to_Fcsqd_free        ? 
_refine.pdbx_R_complete                          ? 
_refine.ls_R_factor_gt                           ? 
_refine.ls_goodness_of_fit_gt                    ? 
_refine.ls_goodness_of_fit_ref                   ? 
_refine.ls_shift_over_su_max                     ? 
_refine.ls_shift_over_su_max_lt                  ? 
_refine.ls_shift_over_su_mean                    ? 
_refine.ls_shift_over_su_mean_lt                 ? 
_refine.pdbx_ls_sigma_I                          ? 
_refine.pdbx_ls_sigma_F                          ? 
_refine.pdbx_ls_sigma_Fsqd                       ? 
_refine.pdbx_data_cutoff_high_absF               ? 
_refine.pdbx_data_cutoff_high_rms_absF           ? 
_refine.pdbx_data_cutoff_low_absF                ? 
_refine.pdbx_isotropic_thermal_model             ? 
_refine.pdbx_ls_cross_valid_method               ? 
_refine.pdbx_method_to_determine_struct          ? 
_refine.pdbx_starting_model                      ? 
_refine.pdbx_stereochemistry_target_values       'REAL-SPACE (WEIGHTED MAP SUM AT ATOM CENTERS)' 
_refine.pdbx_R_Free_selection_details            ? 
_refine.pdbx_stereochem_target_val_spec_case     ? 
_refine.pdbx_overall_ESU_R                       ? 
_refine.pdbx_overall_ESU_R_Free                  ? 
_refine.pdbx_solvent_vdw_probe_radii             ? 
_refine.pdbx_solvent_ion_probe_radii             ? 
_refine.pdbx_solvent_shrinkage_radii             ? 
_refine.pdbx_real_space_R                        ? 
_refine.pdbx_density_correlation                 ? 
_refine.pdbx_pd_number_of_powder_patterns        ? 
_refine.pdbx_pd_number_of_points                 ? 
_refine.pdbx_pd_meas_number_of_points            ? 
_refine.pdbx_pd_proc_ls_prof_R_factor            ? 
_refine.pdbx_pd_proc_ls_prof_wR_factor           ? 
_refine.pdbx_pd_Marquardt_correlation_coeff      ? 
_refine.pdbx_pd_Fsqrd_R_factor                   ? 
_refine.pdbx_pd_ls_matrix_band_width             ? 
_refine.pdbx_overall_phase_error                 ? 
_refine.pdbx_overall_SU_R_free_Cruickshank_DPI   ? 
_refine.pdbx_overall_SU_R_free_Blow_DPI          ? 
_refine.pdbx_overall_SU_R_Blow_DPI               ? 
_refine.pdbx_TLS_residual_ADP_flag               ? 
_refine.pdbx_diffrn_id                           ? 
_refine.overall_SU_B                             ? 
_refine.overall_SU_ML                            ? 
_refine.overall_SU_R_Cruickshank_DPI             ? 
_refine.overall_SU_R_free                        ? 
_refine.overall_FOM_free_R_set                   ? 
_refine.overall_FOM_work_R_set                   ? 
_refine.pdbx_average_fsc_overall                 ? 
_refine.pdbx_average_fsc_work                    ? 
_refine.pdbx_average_fsc_free                    ? 
# 
loop_
_refine_ls_restr.pdbx_refine_id 
_refine_ls_restr.criterion 
_refine_ls_restr.dev_ideal 
_refine_ls_restr.dev_ideal_target 
_refine_ls_restr.number 
_refine_ls_restr.rejects 
_refine_ls_restr.type 
_refine_ls_restr.weight 
_refine_ls_restr.pdbx_Zscore 
_refine_ls_restr.pdbx_restraint_function 
'ELECTRON MICROSCOPY' ? 0.016  ? 4806 ? f_bond_d           ? ? ? 
'ELECTRON MICROSCOPY' ? 1.399  ? 6426 ? f_angle_d          ? ? ? 
'ELECTRON MICROSCOPY' ? 36.219 ? 1350 ? f_dihedral_angle_d ? ? ? 
'ELECTRON MICROSCOPY' ? 0.067  ? 648  ? f_chiral_restr     ? ? ? 
'ELECTRON MICROSCOPY' ? 0.005  ? 810  ? f_plane_restr      ? ? ? 
# 
_struct.entry_id                     9O7K 
_struct.title                        'Cryo-EM of pi-conjugated Peptide 2 (9 strands)' 
_struct.pdbx_model_details           ? 
_struct.pdbx_formula_weight          ? 
_struct.pdbx_formula_weight_method   ? 
_struct.pdbx_model_type_details      ? 
_struct.pdbx_CASP_flag               N 
# 
_struct_keywords.entry_id        9O7K 
_struct_keywords.text            'peptide fiber, helical polymer, protein fibril' 
_struct_keywords.pdbx_keywords   'PROTEIN FIBRIL' 
# 
loop_
_struct_asym.id 
_struct_asym.pdbx_blank_PDB_chainid_flag 
_struct_asym.pdbx_modified 
_struct_asym.entity_id 
_struct_asym.details 
A N N 1 ? 
B N N 1 ? 
C N N 1 ? 
D N N 1 ? 
E N N 1 ? 
F N N 1 ? 
G N N 2 ? 
H N N 2 ? 
I N N 2 ? 
# 
_struct_ref.id                         1 
_struct_ref.db_name                    PDB 
_struct_ref.db_code                    9O7K 
_struct_ref.pdbx_db_accession          9O7K 
_struct_ref.pdbx_db_isoform            ? 
_struct_ref.entity_id                  1 
_struct_ref.pdbx_seq_one_letter_code   ? 
_struct_ref.pdbx_align_begin           1 
# 
loop_
_struct_ref_seq.align_id 
_struct_ref_seq.ref_id 
_struct_ref_seq.pdbx_PDB_id_code 
_struct_ref_seq.pdbx_strand_id 
_struct_ref_seq.seq_align_beg 
_struct_ref_seq.pdbx_seq_align_beg_ins_code 
_struct_ref_seq.seq_align_end 
_struct_ref_seq.pdbx_seq_align_end_ins_code 
_struct_ref_seq.pdbx_db_accession 
_struct_ref_seq.db_align_beg 
_struct_ref_seq.pdbx_db_align_beg_ins_code 
_struct_ref_seq.db_align_end 
_struct_ref_seq.pdbx_db_align_end_ins_code 
_struct_ref_seq.pdbx_auth_seq_align_beg 
_struct_ref_seq.pdbx_auth_seq_align_end 
1 1 9O7K A 1 ? 5 ? 9O7K 1  ? 5  ? 1  5  
2 1 9O7K D 1 ? 5 ? 9O7K 10 ? 14 ? 10 14 
3 1 9O7K B 1 ? 5 ? 9O7K 1  ? 5  ? 1  5  
4 1 9O7K F 1 ? 5 ? 9O7K 10 ? 14 ? 10 14 
5 1 9O7K C 1 ? 5 ? 9O7K 1  ? 5  ? 1  5  
6 1 9O7K H 1 ? 5 ? 9O7K 10 ? 14 ? 10 14 
# 
loop_
_pdbx_struct_assembly.id 
_pdbx_struct_assembly.details 
_pdbx_struct_assembly.method_details 
_pdbx_struct_assembly.oligomeric_details 
_pdbx_struct_assembly.oligomeric_count 
1 'representative helical assembly' ? 120-meric 120 
2 'helical asymmetric unit'         ? hexameric 6   
# 
loop_
_pdbx_struct_assembly_gen.assembly_id 
_pdbx_struct_assembly_gen.oper_expression 
_pdbx_struct_assembly_gen.asym_id_list 
1 '(1-20)' A,B,C,D,E,F,G,H,I 
2 1        A,B,C,D,E,F,G,H,I 
# 
_pdbx_struct_assembly_auth_evidence.id                     1 
_pdbx_struct_assembly_auth_evidence.assembly_id            1 
_pdbx_struct_assembly_auth_evidence.experimental_support   'electron microscopy' 
_pdbx_struct_assembly_auth_evidence.details                'not applicable' 
# 
loop_
_pdbx_struct_oper_list.id 
_pdbx_struct_oper_list.type 
_pdbx_struct_oper_list.name 
_pdbx_struct_oper_list.symmetry_operation 
_pdbx_struct_oper_list.matrix[1][1] 
_pdbx_struct_oper_list.matrix[1][2] 
_pdbx_struct_oper_list.matrix[1][3] 
_pdbx_struct_oper_list.vector[1] 
_pdbx_struct_oper_list.matrix[2][1] 
_pdbx_struct_oper_list.matrix[2][2] 
_pdbx_struct_oper_list.matrix[2][3] 
_pdbx_struct_oper_list.vector[2] 
_pdbx_struct_oper_list.matrix[3][1] 
_pdbx_struct_oper_list.matrix[3][2] 
_pdbx_struct_oper_list.matrix[3][3] 
_pdbx_struct_oper_list.vector[3] 
1  'identity operation'         1_555 x,y,z 1.00000000  0.00000000  0.00000000  0.00000   0.00000000  1.00000000  0.00000000  0.00000   0.00000000  0.00000000  1.00000000 0.00000   
2  'helical symmetry operation' ?     ?     0.99851660  -0.04648410 0.02835988  6.28795   0.04557374  0.99845019  0.03194892  -6.09291  -0.02980082 -0.03060926 0.99908721 -11.52156 
3  'helical symmetry operation' ?     ?     -0.09084333 0.31958350  -0.94319374 -2.15358  -0.98903615 -0.13968099 0.04793016  -40.28186 -0.11642828 0.93720659  0.32876832 6.52467   
4  'helical symmetry operation' ?     ?     -0.15913391 -0.97185867 -0.17368781 -27.90737 0.26049596  -0.21102898 0.94213002  -24.28152 -0.95227023 0.10467971  0.28674689 -18.90249 
5  'helical symmetry operation' ?     ?     0.99934063  -0.03089951 0.01907375  4.19802   0.03049486  0.99931111  0.02115810  -4.05404  -0.01971425 -0.02056263 0.99959427 -7.68192  
6  'helical symmetry operation' ?     ?     -0.10482324 0.30822862  -0.94551999 -4.94173  -0.98626076 -0.15428679 0.05904390  -38.29399 -0.12768181 0.93871806  0.32016603 9.92206   
7  'helical symmetry operation' ?     ?     -0.14580962 -0.97595093 -0.16204782 -30.19780 0.27276537  -0.19710815 0.94167277  -21.63638 -0.95096728 0.09310384  0.29494576 -15.58213 
8  'helical symmetry operation' ?     ?     0.99983534  -0.01540205 0.00961888  2.10209   0.01530100  0.99982797  0.01050652  -2.02310  -0.00977883 -0.01035783 0.99989868 -3.84135  
9  'helical symmetry operation' ?     ?     -0.11864827 0.29663684  -0.94759133 -7.73224  -0.98315343 -0.16873077 0.07028098  -36.29871 -0.13903981 0.93996631  0.31165903 13.31317  
10 'helical symmetry operation' ?     ?     -0.13231240 -0.97971670 -0.15049659 -32.47985 0.28481441  -0.18300665 0.94095162  -18.99079 -0.94940760 0.08163569  0.30325105 -12.25635 
11 'helical symmetry operation' ?     ?     -0.13231240 0.28481441  -0.94940760 -10.52490 -0.97971670 -0.18300665 0.08163569  -34.29592 -0.15049659 0.94095162  0.30325105 16.69806  
12 'helical symmetry operation' ?     ?     -0.11864827 -0.98315343 -0.13903981 -34.75355 0.29663684  -0.16873077 0.93996631  -16.34497 -0.94759133 0.07028098  0.31165903 -8.92506  
13 'helical symmetry operation' ?     ?     0.99983534  0.01530100  -0.00977883 -2.10834  -0.01540205 0.99982797  -0.01035783 2.01535   0.00961888  0.01050652  0.99989868 3.84199   
14 'helical symmetry operation' ?     ?     -0.14580962 0.27276537  -0.95096728 -13.31957 -0.97595093 -0.19710815 0.09310384  -32.28551 -0.16204782 0.94167277  0.29494576 20.07678  
15 'helical symmetry operation' ?     ?     -0.10482324 -0.98626076 -0.12768181 -37.01899 0.30822862  -0.15428679 0.93871806  -13.69907 -0.94551999 0.05904390  0.32016603 -5.58819  
16 'helical symmetry operation' ?     ?     0.99934063  0.03049486  -0.01971425 -4.22306  -0.03089951 0.99931111  -0.02056263 4.02301   0.01907375  0.02115810  0.99959427 7.68451   
17 'helical symmetry operation' ?     ?     -0.15913391 0.26049596  -0.95227023 -16.11604 -0.97185867 -0.21102898 0.10467971  -30.26741 -0.17368781 0.94213002  0.28674689 23.44941  
18 'helical symmetry operation' ?     ?     -0.09084333 -0.98903615 -0.11642828 -39.27618 0.31958350  -0.13968099 0.93720659  -11.05331 -0.94319374 0.04793016  0.32876832 -2.24564  
19 'helical symmetry operation' ?     ?     0.99851660  0.04557374  -0.02980082 -6.34429  -0.04648410 0.99845019  -0.03060926 6.02311   0.02835988  0.03194892  0.99908721 11.52738  
20 'helical symmetry operation' ?     ?     -0.17228002 0.24801074  -0.95331573 -18.91417 -0.96744124 -0.22476364 0.11635894  -28.24152 -0.18541215 0.94232299  0.27865766 26.81600  
# 
loop_
_struct_conn.id 
_struct_conn.conn_type_id 
_struct_conn.pdbx_leaving_atom_flag 
_struct_conn.pdbx_PDB_id 
_struct_conn.ptnr1_label_asym_id 
_struct_conn.ptnr1_label_comp_id 
_struct_conn.ptnr1_label_seq_id 
_struct_conn.ptnr1_label_atom_id 
_struct_conn.pdbx_ptnr1_label_alt_id 
_struct_conn.pdbx_ptnr1_PDB_ins_code 
_struct_conn.pdbx_ptnr1_standard_comp_id 
_struct_conn.ptnr1_symmetry 
_struct_conn.ptnr2_label_asym_id 
_struct_conn.ptnr2_label_comp_id 
_struct_conn.ptnr2_label_seq_id 
_struct_conn.ptnr2_label_atom_id 
_struct_conn.pdbx_ptnr2_label_alt_id 
_struct_conn.pdbx_ptnr2_PDB_ins_code 
_struct_conn.ptnr1_auth_asym_id 
_struct_conn.ptnr1_auth_comp_id 
_struct_conn.ptnr1_auth_seq_id 
_struct_conn.ptnr2_auth_asym_id 
_struct_conn.ptnr2_auth_comp_id 
_struct_conn.ptnr2_auth_seq_id 
_struct_conn.ptnr2_symmetry 
_struct_conn.pdbx_ptnr3_label_atom_id 
_struct_conn.pdbx_ptnr3_label_seq_id 
_struct_conn.pdbx_ptnr3_label_comp_id 
_struct_conn.pdbx_ptnr3_label_asym_id 
_struct_conn.pdbx_ptnr3_label_alt_id 
_struct_conn.pdbx_ptnr3_PDB_ins_code 
_struct_conn.details 
_struct_conn.pdbx_dist_value 
_struct_conn.pdbx_value_order 
_struct_conn.pdbx_role 
covale1 covale both ? A GLY   1 N   ? ? ? 1_555 G A1B9Z . C02 ? ? A GLY   1   A A1B9Z 101 1_555 ? ? ? ? ? ? ? 1.438 ? ? 
covale2 covale both ? G A1B9Z . C50 ? ? ? 1_555 B GLY   1 N   ? ? A A1B9Z 101 D GLY   10  1_555 ? ? ? ? ? ? ? 1.430 ? ? 
covale3 covale both ? C GLY   1 N   ? ? ? 1_555 H A1B9Z . C02 ? ? B GLY   1   B A1B9Z 101 1_555 ? ? ? ? ? ? ? 1.434 ? ? 
covale4 covale both ? H A1B9Z . C50 ? ? ? 1_555 D GLY   1 N   ? ? B A1B9Z 101 F GLY   10  1_555 ? ? ? ? ? ? ? 1.437 ? ? 
covale5 covale both ? E GLY   1 N   ? ? ? 1_555 I A1B9Z . C02 ? ? C GLY   1   C A1B9Z 101 1_555 ? ? ? ? ? ? ? 1.440 ? ? 
covale6 covale both ? I A1B9Z . C50 ? ? ? 1_555 F GLY   1 N   ? ? C A1B9Z 101 H GLY   10  1_555 ? ? ? ? ? ? ? 1.441 ? ? 
# 
_struct_conn_type.id          covale 
_struct_conn_type.criteria    ? 
_struct_conn_type.reference   ? 
# 
loop_
_pdbx_modification_feature.ordinal 
_pdbx_modification_feature.label_comp_id 
_pdbx_modification_feature.label_asym_id 
_pdbx_modification_feature.label_seq_id 
_pdbx_modification_feature.label_alt_id 
_pdbx_modification_feature.modified_residue_label_comp_id 
_pdbx_modification_feature.modified_residue_label_asym_id 
_pdbx_modification_feature.modified_residue_label_seq_id 
_pdbx_modification_feature.modified_residue_label_alt_id 
_pdbx_modification_feature.auth_comp_id 
_pdbx_modification_feature.auth_asym_id 
_pdbx_modification_feature.auth_seq_id 
_pdbx_modification_feature.PDB_ins_code 
_pdbx_modification_feature.symmetry 
_pdbx_modification_feature.modified_residue_auth_comp_id 
_pdbx_modification_feature.modified_residue_auth_asym_id 
_pdbx_modification_feature.modified_residue_auth_seq_id 
_pdbx_modification_feature.modified_residue_PDB_ins_code 
_pdbx_modification_feature.modified_residue_symmetry 
_pdbx_modification_feature.comp_id_linking_atom 
_pdbx_modification_feature.modified_residue_id_linking_atom 
_pdbx_modification_feature.modified_residue_id 
_pdbx_modification_feature.ref_pcm_id 
_pdbx_modification_feature.ref_comp_id 
_pdbx_modification_feature.type 
_pdbx_modification_feature.category 
1 A1B9Z G . ? GLY A 1 ? A1B9Z A 101 ? 1_555 GLY A 1  ? 1_555 C02 N GLY 1 A1B9Z None Crosslinker 
2 A1B9Z G . ? GLY B 1 ? A1B9Z A 101 ? 1_555 GLY D 10 ? 1_555 C50 N GLY 2 A1B9Z None Crosslinker 
3 A1B9Z H . ? GLY C 1 ? A1B9Z B 101 ? 1_555 GLY B 1  ? 1_555 C02 N GLY 1 A1B9Z None Crosslinker 
4 A1B9Z H . ? GLY D 1 ? A1B9Z B 101 ? 1_555 GLY F 10 ? 1_555 C50 N GLY 2 A1B9Z None Crosslinker 
5 A1B9Z I . ? GLY E 1 ? A1B9Z C 101 ? 1_555 GLY C 1  ? 1_555 C02 N GLY 1 A1B9Z None Crosslinker 
6 A1B9Z I . ? GLY F 1 ? A1B9Z C 101 ? 1_555 GLY H 10 ? 1_555 C50 N GLY 2 A1B9Z None Crosslinker 
# 
_pdbx_entry_details.entry_id                   9O7K 
_pdbx_entry_details.nonpolymer_details         ? 
_pdbx_entry_details.sequence_details           ? 
_pdbx_entry_details.compound_details           ? 
_pdbx_entry_details.source_details             ? 
_pdbx_entry_details.has_ligand_of_interest     Y 
_pdbx_entry_details.has_protein_modification   Y 
# 
_pdbx_helical_symmetry.entry_id                  9O7K 
_pdbx_helical_symmetry.number_of_operations      20 
_pdbx_helical_symmetry.rotation_per_n_subunits   -120.4 
_pdbx_helical_symmetry.rise_per_n_subunits       1.60 
_pdbx_helical_symmetry.n_subunits_divisor        1 
_pdbx_helical_symmetry.dyad_axis                 no 
_pdbx_helical_symmetry.circular_symmetry         1 
# 
_em_3d_fitting.id                1 
_em_3d_fitting.entry_id          9O7K 
_em_3d_fitting.method            ? 
_em_3d_fitting.target_criteria   ? 
_em_3d_fitting.details           ? 
_em_3d_fitting.overall_b_value   ? 
_em_3d_fitting.ref_space         ? 
_em_3d_fitting.ref_protocol      ? 
# 
_em_3d_reconstruction.entry_id                    9O7K 
_em_3d_reconstruction.id                          1 
_em_3d_reconstruction.method                      ? 
_em_3d_reconstruction.algorithm                   ? 
_em_3d_reconstruction.citation_id                 ? 
_em_3d_reconstruction.details                     ? 
_em_3d_reconstruction.resolution                  2.9 
_em_3d_reconstruction.resolution_method           'FSC 0.143 CUT-OFF' 
_em_3d_reconstruction.magnification_calibration   ? 
_em_3d_reconstruction.nominal_pixel_size          ? 
_em_3d_reconstruction.actual_pixel_size           ? 
_em_3d_reconstruction.num_particles               2342281 
_em_3d_reconstruction.euler_angles_details        ? 
_em_3d_reconstruction.num_class_averages          ? 
_em_3d_reconstruction.refinement_type             ? 
_em_3d_reconstruction.image_processing_id         1 
_em_3d_reconstruction.symmetry_type               HELICAL 
# 
_em_buffer.id            1 
_em_buffer.specimen_id   1 
_em_buffer.name          ? 
_em_buffer.details       ? 
_em_buffer.pH            7 
# 
_em_entity_assembly.id                   1 
_em_entity_assembly.parent_id            0 
_em_entity_assembly.source               NATURAL 
_em_entity_assembly.type                 COMPLEX 
_em_entity_assembly.name                 'VEVAG peptide fibril' 
_em_entity_assembly.details              ? 
_em_entity_assembly.synonym              ? 
_em_entity_assembly.oligomeric_details   ? 
_em_entity_assembly.entity_id_list       1 
# 
_em_imaging.entry_id                        9O7K 
_em_imaging.id                              1 
_em_imaging.astigmatism                     ? 
_em_imaging.electron_beam_tilt_params       ? 
_em_imaging.residual_tilt                   ? 
_em_imaging.microscope_model                'TFS KRIOS' 
_em_imaging.specimen_holder_type            ? 
_em_imaging.specimen_holder_model           ? 
_em_imaging.details                         ? 
_em_imaging.date                            ? 
_em_imaging.accelerating_voltage            300 
_em_imaging.illumination_mode               'FLOOD BEAM' 
_em_imaging.mode                            'BRIGHT FIELD' 
_em_imaging.nominal_cs                      ? 
_em_imaging.nominal_defocus_min             1000 
_em_imaging.nominal_defocus_max             2000 
_em_imaging.calibrated_defocus_min          ? 
_em_imaging.calibrated_defocus_max          ? 
_em_imaging.tilt_angle_min                  ? 
_em_imaging.tilt_angle_max                  ? 
_em_imaging.nominal_magnification           ? 
_em_imaging.calibrated_magnification        ? 
_em_imaging.electron_source                 'FIELD EMISSION GUN' 
_em_imaging.citation_id                     ? 
_em_imaging.temperature                     ? 
_em_imaging.detector_distance               ? 
_em_imaging.recording_temperature_minimum   ? 
_em_imaging.recording_temperature_maximum   ? 
_em_imaging.alignment_procedure             ? 
_em_imaging.c2_aperture_diameter            ? 
_em_imaging.specimen_id                     1 
_em_imaging.cryogen                         ? 
_em_imaging.objective_aperture              ? 
_em_imaging.microscope_serial_number        ? 
_em_imaging.microscope_version              ? 
# 
_em_vitrification.entry_id              9O7K 
_em_vitrification.id                    1 
_em_vitrification.specimen_id           1 
_em_vitrification.cryogen_name          ETHANE 
_em_vitrification.humidity              ? 
_em_vitrification.temp                  ? 
_em_vitrification.chamber_temperature   ? 
_em_vitrification.instrument            ? 
_em_vitrification.method                ? 
_em_vitrification.time_resolved_state   ? 
_em_vitrification.citation_id           ? 
_em_vitrification.details               ? 
# 
_em_experiment.entry_id                9O7K 
_em_experiment.id                      1 
_em_experiment.reconstruction_method   HELICAL 
_em_experiment.aggregation_state       FILAMENT 
_em_experiment.entity_assembly_id      1 
# 
loop_
_chem_comp_atom.comp_id 
_chem_comp_atom.atom_id 
_chem_comp_atom.type_symbol 
_chem_comp_atom.pdbx_aromatic_flag 
_chem_comp_atom.pdbx_stereo_config 
_chem_comp_atom.pdbx_ordinal 
A1B9Z C02  C N N 1   
A1B9Z C36  C N N 2   
A1B9Z C37  C Y N 3   
A1B9Z C38  C Y N 4   
A1B9Z C39  C Y N 5   
A1B9Z C40  C Y N 6   
A1B9Z C41  C Y N 7   
A1B9Z C42  C Y N 8   
A1B9Z C43  C Y N 9   
A1B9Z C44  C Y N 10  
A1B9Z C45  C Y N 11  
A1B9Z C46  C Y N 12  
A1B9Z C47  C Y N 13  
A1B9Z C48  C Y N 14  
A1B9Z C49  C N N 15  
A1B9Z C50  C N N 16  
A1B9Z C85  C Y N 17  
A1B9Z C86  C Y N 18  
A1B9Z C88  C Y N 19  
A1B9Z C89  C Y N 20  
A1B9Z O01  O N N 21  
A1B9Z O84  O N N 22  
A1B9Z S87  S Y N 23  
A1B9Z H2   H N N 24  
A1B9Z H3   H N N 25  
A1B9Z H4   H N N 26  
A1B9Z H5   H N N 27  
A1B9Z H6   H N N 28  
A1B9Z H7   H N N 29  
A1B9Z H8   H N N 30  
A1B9Z H9   H N N 31  
A1B9Z H10  H N N 32  
A1B9Z H11  H N N 33  
A1B9Z H13  H N N 34  
A1B9Z H14  H N N 35  
A1B9Z H15  H N N 36  
A1B9Z H16  H N N 37  
A1B9Z O2   O N N 38  
A1B9Z O1   O N N 39  
A1B9Z H1   H N N 40  
A1B9Z H12  H N N 41  
ALA   N    N N N 42  
ALA   CA   C N S 43  
ALA   C    C N N 44  
ALA   O    O N N 45  
ALA   CB   C N N 46  
ALA   OXT  O N N 47  
ALA   H    H N N 48  
ALA   H2   H N N 49  
ALA   HA   H N N 50  
ALA   HB1  H N N 51  
ALA   HB2  H N N 52  
ALA   HB3  H N N 53  
ALA   HXT  H N N 54  
GLU   N    N N N 55  
GLU   CA   C N S 56  
GLU   C    C N N 57  
GLU   O    O N N 58  
GLU   CB   C N N 59  
GLU   CG   C N N 60  
GLU   CD   C N N 61  
GLU   OE1  O N N 62  
GLU   OE2  O N N 63  
GLU   OXT  O N N 64  
GLU   H    H N N 65  
GLU   H2   H N N 66  
GLU   HA   H N N 67  
GLU   HB2  H N N 68  
GLU   HB3  H N N 69  
GLU   HG2  H N N 70  
GLU   HG3  H N N 71  
GLU   HE2  H N N 72  
GLU   HXT  H N N 73  
GLY   N    N N N 74  
GLY   CA   C N N 75  
GLY   C    C N N 76  
GLY   O    O N N 77  
GLY   OXT  O N N 78  
GLY   H    H N N 79  
GLY   H2   H N N 80  
GLY   HA2  H N N 81  
GLY   HA3  H N N 82  
GLY   HXT  H N N 83  
VAL   N    N N N 84  
VAL   CA   C N S 85  
VAL   C    C N N 86  
VAL   O    O N N 87  
VAL   CB   C N N 88  
VAL   CG1  C N N 89  
VAL   CG2  C N N 90  
VAL   OXT  O N N 91  
VAL   H    H N N 92  
VAL   H2   H N N 93  
VAL   HA   H N N 94  
VAL   HB   H N N 95  
VAL   HG11 H N N 96  
VAL   HG12 H N N 97  
VAL   HG13 H N N 98  
VAL   HG21 H N N 99  
VAL   HG22 H N N 100 
VAL   HG23 H N N 101 
VAL   HXT  H N N 102 
# 
loop_
_chem_comp_bond.comp_id 
_chem_comp_bond.atom_id_1 
_chem_comp_bond.atom_id_2 
_chem_comp_bond.value_order 
_chem_comp_bond.pdbx_aromatic_flag 
_chem_comp_bond.pdbx_stereo_config 
_chem_comp_bond.pdbx_ordinal 
A1B9Z O01 C02  doub N N 1   
A1B9Z C89 C88  doub Y N 2   
A1B9Z C89 C37  sing Y N 3   
A1B9Z C02 C36  sing N N 4   
A1B9Z C88 C40  sing Y N 5   
A1B9Z C36 C37  sing N N 6   
A1B9Z C37 C38  doub Y N 7   
A1B9Z C85 C86  doub Y N 8   
A1B9Z C85 C48  sing Y N 9   
A1B9Z C86 C45  sing Y N 10  
A1B9Z C40 C41  sing N N 11  
A1B9Z C40 C39  doub Y N 12  
A1B9Z S87 C41  sing Y N 13  
A1B9Z S87 C44  sing Y N 14  
A1B9Z C41 C42  doub Y N 15  
A1B9Z C49 C48  sing N N 16  
A1B9Z C49 C50  sing N N 17  
A1B9Z C38 C39  sing Y N 18  
A1B9Z C48 C47  doub Y N 19  
A1B9Z C44 C45  sing N N 20  
A1B9Z C44 C43  doub Y N 21  
A1B9Z C45 C46  doub Y N 22  
A1B9Z C42 C43  sing Y N 23  
A1B9Z C50 O84  doub N N 24  
A1B9Z C47 C46  sing Y N 25  
A1B9Z C36 H2   sing N N 26  
A1B9Z C36 H3   sing N N 27  
A1B9Z C38 H4   sing N N 28  
A1B9Z C39 H5   sing N N 29  
A1B9Z C42 H6   sing N N 30  
A1B9Z C43 H7   sing N N 31  
A1B9Z C46 H8   sing N N 32  
A1B9Z C47 H9   sing N N 33  
A1B9Z C49 H10  sing N N 34  
A1B9Z C49 H11  sing N N 35  
A1B9Z C85 H13  sing N N 36  
A1B9Z C86 H14  sing N N 37  
A1B9Z C88 H15  sing N N 38  
A1B9Z C89 H16  sing N N 39  
A1B9Z C02 O2   sing N N 40  
A1B9Z C50 O1   sing N N 41  
A1B9Z O2  H1   sing N N 42  
A1B9Z O1  H12  sing N N 43  
ALA   N   CA   sing N N 44  
ALA   N   H    sing N N 45  
ALA   N   H2   sing N N 46  
ALA   CA  C    sing N N 47  
ALA   CA  CB   sing N N 48  
ALA   CA  HA   sing N N 49  
ALA   C   O    doub N N 50  
ALA   C   OXT  sing N N 51  
ALA   CB  HB1  sing N N 52  
ALA   CB  HB2  sing N N 53  
ALA   CB  HB3  sing N N 54  
ALA   OXT HXT  sing N N 55  
GLU   N   CA   sing N N 56  
GLU   N   H    sing N N 57  
GLU   N   H2   sing N N 58  
GLU   CA  C    sing N N 59  
GLU   CA  CB   sing N N 60  
GLU   CA  HA   sing N N 61  
GLU   C   O    doub N N 62  
GLU   C   OXT  sing N N 63  
GLU   CB  CG   sing N N 64  
GLU   CB  HB2  sing N N 65  
GLU   CB  HB3  sing N N 66  
GLU   CG  CD   sing N N 67  
GLU   CG  HG2  sing N N 68  
GLU   CG  HG3  sing N N 69  
GLU   CD  OE1  doub N N 70  
GLU   CD  OE2  sing N N 71  
GLU   OE2 HE2  sing N N 72  
GLU   OXT HXT  sing N N 73  
GLY   N   CA   sing N N 74  
GLY   N   H    sing N N 75  
GLY   N   H2   sing N N 76  
GLY   CA  C    sing N N 77  
GLY   CA  HA2  sing N N 78  
GLY   CA  HA3  sing N N 79  
GLY   C   O    doub N N 80  
GLY   C   OXT  sing N N 81  
GLY   OXT HXT  sing N N 82  
VAL   N   CA   sing N N 83  
VAL   N   H    sing N N 84  
VAL   N   H2   sing N N 85  
VAL   CA  C    sing N N 86  
VAL   CA  CB   sing N N 87  
VAL   CA  HA   sing N N 88  
VAL   C   O    doub N N 89  
VAL   C   OXT  sing N N 90  
VAL   CB  CG1  sing N N 91  
VAL   CB  CG2  sing N N 92  
VAL   CB  HB   sing N N 93  
VAL   CG1 HG11 sing N N 94  
VAL   CG1 HG12 sing N N 95  
VAL   CG1 HG13 sing N N 96  
VAL   CG2 HG21 sing N N 97  
VAL   CG2 HG22 sing N N 98  
VAL   CG2 HG23 sing N N 99  
VAL   OXT HXT  sing N N 100 
# 
_em_admin.current_status     REL 
_em_admin.deposition_date    2025-04-15 
_em_admin.deposition_site    RCSB 
_em_admin.entry_id           9O7K 
_em_admin.last_update        2025-09-03 
_em_admin.map_release_date   2025-07-30 
_em_admin.title              'Cryo-EM of pi-conjugated Peptide 2 (9 strands)' 
# 
_em_ctf_correction.details                  ? 
_em_ctf_correction.em_image_processing_id   1 
_em_ctf_correction.id                       1 
_em_ctf_correction.type                     'PHASE FLIPPING AND AMPLITUDE CORRECTION' 
# 
_em_entity_assembly_naturalsource.cell                 ? 
_em_entity_assembly_naturalsource.cellular_location    ? 
_em_entity_assembly_naturalsource.entity_assembly_id   1 
_em_entity_assembly_naturalsource.id                   2 
_em_entity_assembly_naturalsource.ncbi_tax_id          32630 
_em_entity_assembly_naturalsource.organism             'synthetic construct' 
_em_entity_assembly_naturalsource.organelle            ? 
_em_entity_assembly_naturalsource.organ                ? 
_em_entity_assembly_naturalsource.strain               ? 
_em_entity_assembly_naturalsource.tissue               ? 
_em_entity_assembly_naturalsource.details              ? 
# 
_em_helical_entity.id                             1 
_em_helical_entity.image_processing_id            1 
_em_helical_entity.details                        ? 
_em_helical_entity.axial_symmetry                 C1 
_em_helical_entity.angular_rotation_per_subunit   -120.4 
_em_helical_entity.axial_rise_per_subunit         1.60 
# 
_em_image_processing.details              ? 
_em_image_processing.id                   1 
_em_image_processing.image_recording_id   1 
# 
_em_image_recording.average_exposure_time               ? 
_em_image_recording.avg_electron_dose_per_subtomogram   ? 
_em_image_recording.avg_electron_dose_per_image         50 
_em_image_recording.details                             ? 
_em_image_recording.detector_mode                       ? 
_em_image_recording.film_or_detector_model              'GATAN K3 (6k x 4k)' 
_em_image_recording.id                                  1 
_em_image_recording.imaging_id                          1 
_em_image_recording.num_diffraction_images              ? 
_em_image_recording.num_grids_imaged                    ? 
_em_image_recording.num_real_images                     ? 
# 
loop_
_em_software.category 
_em_software.details 
_em_software.id 
_em_software.image_processing_id 
_em_software.fitting_id 
_em_software.imaging_id 
_em_software.name 
_em_software.version 
_em_software.reference_DOI 
'PARTICLE SELECTION'       ? 1  1 ? ? ?      ?           ? 
'MODEL REFINEMENT'         ? 2  ? ? ? PHENIX 1.18.2_3874 ? 
'IMAGE ACQUISITION'        ? 3  ? ? 1 ?      ?           ? 
MASKING                    ? 4  ? ? ? ?      ?           ? 
'CTF CORRECTION'           ? 5  1 ? ? ?      ?           ? 
'LAYERLINE INDEXING'       ? 6  ? ? ? ?      ?           ? 
'DIFFRACTION INDEXING'     ? 7  ? ? ? ?      ?           ? 
'MODEL FITTING'            ? 8  ? ? ? ?      ?           ? 
OTHER                      ? 9  ? ? ? ?      ?           ? 
'INITIAL EULER ASSIGNMENT' ? 10 1 ? ? ?      ?           ? 
'FINAL EULER ASSIGNMENT'   ? 11 1 ? ? ?      ?           ? 
CLASSIFICATION             ? 12 1 ? ? ?      ?           ? 
RECONSTRUCTION             ? 13 1 ? ? ?      ?           ? 
# 
_em_specimen.concentration           ? 
_em_specimen.details                 ? 
_em_specimen.embedding_applied       NO 
_em_specimen.experiment_id           1 
_em_specimen.id                      1 
_em_specimen.shadowing_applied       NO 
_em_specimen.staining_applied        NO 
_em_specimen.vitrification_applied   YES 
# 
_pdbx_audit_support.funding_organization   
'National Institutes of Health/National Institute of General Medical Sciences (NIH/NIGMS)' 
_pdbx_audit_support.country                'United States' 
_pdbx_audit_support.grant_number           GM138756 
_pdbx_audit_support.ordinal                1 
# 
_atom_sites.entry_id                    9O7K 
_atom_sites.Cartn_transf_matrix[1][1]   ? 
_atom_sites.Cartn_transf_matrix[1][2]   ? 
_atom_sites.Cartn_transf_matrix[1][3]   ? 
_atom_sites.Cartn_transf_matrix[2][1]   ? 
_atom_sites.Cartn_transf_matrix[2][2]   ? 
_atom_sites.Cartn_transf_matrix[2][3]   ? 
_atom_sites.Cartn_transf_matrix[3][1]   ? 
_atom_sites.Cartn_transf_matrix[3][2]   ? 
_atom_sites.Cartn_transf_matrix[3][3]   ? 
_atom_sites.Cartn_transf_vector[1]      ? 
_atom_sites.Cartn_transf_vector[2]      ? 
_atom_sites.Cartn_transf_vector[3]      ? 
_atom_sites.Cartn_transform_axes        ? 
_atom_sites.fract_transf_matrix[1][1]   1.000000 
_atom_sites.fract_transf_matrix[1][2]   0.000000 
_atom_sites.fract_transf_matrix[1][3]   0.000000 
_atom_sites.fract_transf_matrix[2][1]   0.000000 
_atom_sites.fract_transf_matrix[2][2]   1.000000 
_atom_sites.fract_transf_matrix[2][3]   0.000000 
_atom_sites.fract_transf_matrix[3][1]   0.000000 
_atom_sites.fract_transf_matrix[3][2]   0.000000 
_atom_sites.fract_transf_matrix[3][3]   1.000000 
_atom_sites.fract_transf_vector[1]      0.00000 
_atom_sites.fract_transf_vector[2]      0.00000 
_atom_sites.fract_transf_vector[3]      0.00000 
_atom_sites.solution_primary            ? 
_atom_sites.solution_secondary          ? 
_atom_sites.solution_hydrogens          ? 
_atom_sites.special_details             ? 
# 
loop_
_atom_type.symbol 
C 
N 
O 
S 
# 
loop_
_atom_site.group_PDB 
_atom_site.id 
_atom_site.type_symbol 
_atom_site.label_atom_id 
_atom_site.label_alt_id 
_atom_site.label_comp_id 
_atom_site.label_asym_id 
_atom_site.label_entity_id 
_atom_site.label_seq_id 
_atom_site.pdbx_PDB_ins_code 
_atom_site.Cartn_x 
_atom_site.Cartn_y 
_atom_site.Cartn_z 
_atom_site.occupancy 
_atom_site.B_iso_or_equiv 
_atom_site.pdbx_formal_charge 
_atom_site.auth_seq_id 
_atom_site.auth_comp_id 
_atom_site.auth_asym_id 
_atom_site.auth_atom_id 
_atom_site.pdbx_PDB_model_num 
ATOM   1   N N   . GLY   A 1 1 ? -2.796  2.474   -9.398  1.00 116.68 ? 1   GLY   A N   1 
ATOM   2   C CA  . GLY   A 1 1 ? -3.567  3.344   -8.546  1.00 116.68 ? 1   GLY   A CA  1 
ATOM   3   C C   . GLY   A 1 1 ? -3.697  4.714   -9.146  1.00 116.68 ? 1   GLY   A C   1 
ATOM   4   O O   . GLY   A 1 1 ? -3.775  5.706   -8.433  1.00 116.68 ? 1   GLY   A O   1 
ATOM   5   N N   . ALA   A 1 2 ? -3.719  4.771   -10.469 1.00 116.58 ? 2   ALA   A N   1 
ATOM   6   C CA  . ALA   A 1 2 ? -3.866  6.030   -11.172 1.00 116.58 ? 2   ALA   A CA  1 
ATOM   7   C C   . ALA   A 1 2 ? -4.777  5.843   -12.367 1.00 116.58 ? 2   ALA   A C   1 
ATOM   8   O O   . ALA   A 1 2 ? -4.444  5.107   -13.298 1.00 116.58 ? 2   ALA   A O   1 
ATOM   9   C CB  . ALA   A 1 2 ? -2.516  6.569   -11.629 1.00 116.58 ? 2   ALA   A CB  1 
ATOM   10  N N   . VAL   A 1 3 ? -5.921  6.509   -12.336 1.00 120.86 ? 3   VAL   A N   1 
ATOM   11  C CA  . VAL   A 1 3 ? -6.760  6.699   -13.515 1.00 120.86 ? 3   VAL   A CA  1 
ATOM   12  C C   . VAL   A 1 3 ? -7.068  8.190   -13.606 1.00 120.86 ? 3   VAL   A C   1 
ATOM   13  O O   . VAL   A 1 3 ? -7.704  8.774   -12.727 1.00 120.86 ? 3   VAL   A O   1 
ATOM   14  C CB  . VAL   A 1 3 ? -8.035  5.850   -13.493 1.00 120.86 ? 3   VAL   A CB  1 
ATOM   15  C CG1 . VAL   A 1 3 ? -8.897  6.176   -12.342 1.00 120.86 ? 3   VAL   A CG1 1 
ATOM   16  C CG2 . VAL   A 1 3 ? -8.836  6.152   -14.726 1.00 120.86 ? 3   VAL   A CG2 1 
ATOM   17  N N   . GLU   A 1 4 ? -6.553  8.831   -14.639 1.00 127.01 ? 4   GLU   A N   1 
ATOM   18  C CA  . GLU   A 1 4 ? -6.999  10.163  -14.996 1.00 127.01 ? 4   GLU   A CA  1 
ATOM   19  C C   . GLU   A 1 4 ? -7.758  10.064  -16.301 1.00 127.01 ? 4   GLU   A C   1 
ATOM   20  O O   . GLU   A 1 4 ? -7.286  9.448   -17.259 1.00 127.01 ? 4   GLU   A O   1 
ATOM   21  C CB  . GLU   A 1 4 ? -5.835  11.139  -15.097 1.00 127.01 ? 4   GLU   A CB  1 
ATOM   22  C CG  . GLU   A 1 4 ? -4.900  10.916  -16.235 1.00 127.01 ? 4   GLU   A CG  1 
ATOM   23  C CD  . GLU   A 1 4 ? -3.863  9.895   -15.881 1.00 127.01 ? 4   GLU   A CD  1 
ATOM   24  O OE1 . GLU   A 1 4 ? -4.070  9.171   -14.889 1.00 127.01 ? 4   GLU   A OE1 1 
ATOM   25  O OE2 . GLU   A 1 4 ? -2.820  9.843   -16.557 1.00 127.01 ? 4   GLU   A OE2 1 
ATOM   26  N N   . VAL   A 1 5 ? -8.947  10.623  -16.323 1.00 129.20 ? 5   VAL   A N   1 
ATOM   27  C CA  . VAL   A 1 5 ? -9.758  10.509  -17.499 1.00 129.20 ? 5   VAL   A CA  1 
ATOM   28  C C   . VAL   A 1 5 ? -9.627  11.826  -18.236 1.00 129.20 ? 5   VAL   A C   1 
ATOM   29  O O   . VAL   A 1 5 ? -9.840  11.928  -19.442 1.00 129.20 ? 5   VAL   A O   1 
ATOM   30  C CB  . VAL   A 1 5 ? -11.190 10.171  -17.132 1.00 129.20 ? 5   VAL   A CB  1 
ATOM   31  C CG1 . VAL   A 1 5 ? -12.030 9.972   -18.374 1.00 129.20 ? 5   VAL   A CG1 1 
ATOM   32  C CG2 . VAL   A 1 5 ? -11.202 8.944   -16.277 1.00 129.20 ? 5   VAL   A CG2 1 
ATOM   33  O OXT . VAL   A 1 5 ? -9.267  12.829  -17.623 1.00 129.20 ? 5   VAL   A OXT 1 
ATOM   34  N N   . GLY   B 1 1 ? 9.863   1.735   2.012   1.00 117.96 ? 10  GLY   D N   1 
ATOM   35  C CA  . GLY   B 1 1 ? 10.893  1.629   3.007   1.00 117.96 ? 10  GLY   D CA  1 
ATOM   36  C C   . GLY   B 1 1 ? 12.153  2.306   2.548   1.00 117.96 ? 10  GLY   D C   1 
ATOM   37  O O   . GLY   B 1 1 ? 12.484  2.313   1.373   1.00 117.96 ? 10  GLY   D O   1 
ATOM   38  N N   . ALA   B 1 2 ? 12.864  2.867   3.511   1.00 121.75 ? 11  ALA   D N   1 
ATOM   39  C CA  . ALA   B 1 2 ? 14.194  3.386   3.276   1.00 121.75 ? 11  ALA   D CA  1 
ATOM   40  C C   . ALA   B 1 2 ? 14.910  3.390   4.607   1.00 121.75 ? 11  ALA   D C   1 
ATOM   41  O O   . ALA   B 1 2 ? 14.448  4.005   5.566   1.00 121.75 ? 11  ALA   D O   1 
ATOM   42  C CB  . ALA   B 1 2 ? 14.154  4.787   2.677   1.00 121.75 ? 11  ALA   D CB  1 
ATOM   43  N N   . VAL   B 1 3 ? 16.025  2.682   4.672   1.00 127.01 ? 12  VAL   D N   1 
ATOM   44  C CA  . VAL   B 1 3 ? 16.818  2.630   5.887   1.00 127.01 ? 12  VAL   D CA  1 
ATOM   45  C C   . VAL   B 1 3 ? 17.984  3.588   5.721   1.00 127.01 ? 12  VAL   D C   1 
ATOM   46  O O   . VAL   B 1 3 ? 18.709  3.536   4.723   1.00 127.01 ? 12  VAL   D O   1 
ATOM   47  C CB  . VAL   B 1 3 ? 17.281  1.202   6.211   1.00 127.01 ? 12  VAL   D CB  1 
ATOM   48  C CG1 . VAL   B 1 3 ? 16.084  0.298   6.365   1.00 127.01 ? 12  VAL   D CG1 1 
ATOM   49  C CG2 . VAL   B 1 3 ? 18.164  0.671   5.150   1.00 127.01 ? 12  VAL   D CG2 1 
ATOM   50  N N   . GLU   B 1 4 ? 18.130  4.500   6.674   1.00 130.50 ? 13  GLU   D N   1 
ATOM   51  C CA  . GLU   B 1 4 ? 19.222  5.457   6.666   1.00 130.50 ? 13  GLU   D CA  1 
ATOM   52  C C   . GLU   B 1 4 ? 20.363  4.997   7.551   1.00 130.50 ? 13  GLU   D C   1 
ATOM   53  O O   . GLU   B 1 4 ? 21.178  5.810   7.990   1.00 130.50 ? 13  GLU   D O   1 
ATOM   54  C CB  . GLU   B 1 4 ? 18.728  6.829   7.110   1.00 130.50 ? 13  GLU   D CB  1 
ATOM   55  C CG  . GLU   B 1 4 ? 17.447  7.266   6.443   1.00 130.50 ? 13  GLU   D CG  1 
ATOM   56  C CD  . GLU   B 1 4 ? 17.596  7.426   4.962   1.00 130.50 ? 13  GLU   D CD  1 
ATOM   57  O OE1 . GLU   B 1 4 ? 18.708  7.759   4.515   1.00 130.50 ? 13  GLU   D OE1 1 
ATOM   58  O OE2 . GLU   B 1 4 ? 16.602  7.229   4.240   1.00 130.50 ? 13  GLU   D OE2 1 
ATOM   59  N N   . VAL   B 1 5 ? 20.416  3.704   7.835   1.00 136.76 ? 14  VAL   D N   1 
ATOM   60  C CA  . VAL   B 1 5 ? 21.446  3.130   8.674   1.00 136.76 ? 14  VAL   D CA  1 
ATOM   61  C C   . VAL   B 1 5 ? 22.800  3.472   8.107   1.00 136.76 ? 14  VAL   D C   1 
ATOM   62  O O   . VAL   B 1 5 ? 23.756  3.713   8.839   1.00 136.76 ? 14  VAL   D O   1 
ATOM   63  C CB  . VAL   B 1 5 ? 21.273  1.621   8.791   1.00 136.76 ? 14  VAL   D CB  1 
ATOM   64  C CG1 . VAL   B 1 5 ? 22.329  1.038   9.697   1.00 136.76 ? 14  VAL   D CG1 1 
ATOM   65  C CG2 . VAL   B 1 5 ? 19.899  1.305   9.315   1.00 136.76 ? 14  VAL   D CG2 1 
ATOM   66  O OXT . VAL   B 1 5 ? 22.957  3.531   6.893   1.00 136.76 ? 14  VAL   D OXT 1 
ATOM   67  N N   . GLY   C 1 1 ? -6.080  0.516   -5.804  1.00 114.38 ? 1   GLY   B N   1 
ATOM   68  C CA  . GLY   C 1 1 ? -5.765  0.966   -7.128  1.00 114.38 ? 1   GLY   B CA  1 
ATOM   69  C C   . GLY   C 1 1 ? -6.718  2.046   -7.540  1.00 114.38 ? 1   GLY   B C   1 
ATOM   70  O O   . GLY   C 1 1 ? -7.302  2.730   -6.711  1.00 114.38 ? 1   GLY   B O   1 
ATOM   71  N N   . ALA   C 1 2 ? -6.868  2.194   -8.839  1.00 112.68 ? 2   ALA   B N   1 
ATOM   72  C CA  . ALA   C 1 2 ? -7.795  3.145   -9.411  1.00 112.68 ? 2   ALA   B CA  1 
ATOM   73  C C   . ALA   C 1 2 ? -8.967  2.374   -9.991  1.00 112.68 ? 2   ALA   B C   1 
ATOM   74  O O   . ALA   C 1 2 ? -8.796  1.593   -10.930 1.00 112.68 ? 2   ALA   B O   1 
ATOM   75  C CB  . ALA   C 1 2 ? -7.100  3.980   -10.478 1.00 112.68 ? 2   ALA   B CB  1 
ATOM   76  N N   . VAL   C 1 3 ? -10.146 2.582   -9.426  1.00 113.06 ? 3   VAL   B N   1 
ATOM   77  C CA  . VAL   C 1 3 ? -11.359 1.921   -9.876  1.00 113.06 ? 3   VAL   B CA  1 
ATOM   78  C C   . VAL   C 1 3 ? -12.324 2.988   -10.342 1.00 113.06 ? 3   VAL   B C   1 
ATOM   79  O O   . VAL   C 1 3 ? -12.666 3.895   -9.579  1.00 113.06 ? 3   VAL   B O   1 
ATOM   80  C CB  . VAL   C 1 3 ? -12.004 1.085   -8.761  1.00 113.06 ? 3   VAL   B CB  1 
ATOM   81  C CG1 . VAL   C 1 3 ? -13.114 0.253   -9.325  1.00 113.06 ? 3   VAL   B CG1 1 
ATOM   82  C CG2 . VAL   C 1 3 ? -10.978 0.212   -8.122  1.00 113.06 ? 3   VAL   B CG2 1 
ATOM   83  N N   . GLU   C 1 4 ? -12.764 2.889   -11.586 1.00 118.65 ? 4   GLU   B N   1 
ATOM   84  C CA  . GLU   C 1 4 ? -13.780 3.794   -12.091 1.00 118.65 ? 4   GLU   B CA  1 
ATOM   85  C C   . GLU   C 1 4 ? -14.878 2.986   -12.747 1.00 118.65 ? 4   GLU   B C   1 
ATOM   86  O O   . GLU   C 1 4 ? -14.606 2.132   -13.594 1.00 118.65 ? 4   GLU   B O   1 
ATOM   87  C CB  . GLU   C 1 4 ? -13.205 4.798   -13.069 1.00 118.65 ? 4   GLU   B CB  1 
ATOM   88  C CG  . GLU   C 1 4 ? -14.184 5.879   -13.360 1.00 118.65 ? 4   GLU   B CG  1 
ATOM   89  C CD  . GLU   C 1 4 ? -13.580 6.930   -14.207 1.00 118.65 ? 4   GLU   B CD  1 
ATOM   90  O OE1 . GLU   C 1 4 ? -12.433 6.722   -14.628 1.00 118.65 ? 4   GLU   B OE1 1 
ATOM   91  O OE2 . GLU   C 1 4 ? -14.235 7.958   -14.450 1.00 118.65 ? 4   GLU   B OE2 1 
ATOM   92  N N   . VAL   C 1 5 ? -16.110 3.272   -12.367 1.00 122.13 ? 5   VAL   B N   1 
ATOM   93  C CA  . VAL   C 1 5 ? -17.240 2.504   -12.818 1.00 122.13 ? 5   VAL   B CA  1 
ATOM   94  C C   . VAL   C 1 5 ? -18.149 3.399   -13.637 1.00 122.13 ? 5   VAL   B C   1 
ATOM   95  O O   . VAL   C 1 5 ? -18.538 4.474   -13.199 1.00 122.13 ? 5   VAL   B O   1 
ATOM   96  C CB  . VAL   C 1 5 ? -17.980 1.904   -11.630 1.00 122.13 ? 5   VAL   B CB  1 
ATOM   97  C CG1 . VAL   C 1 5 ? -19.216 1.186   -12.094 1.00 122.13 ? 5   VAL   B CG1 1 
ATOM   98  C CG2 . VAL   C 1 5 ? -17.071 0.980   -10.861 1.00 122.13 ? 5   VAL   B CG2 1 
ATOM   99  O OXT . VAL   C 1 5 ? -18.519 3.080   -14.758 1.00 122.13 ? 5   VAL   B OXT 1 
ATOM   100 N N   . GLY   D 1 1 ? 7.129   -0.425  5.342   1.00 119.71 ? 10  GLY   F N   1 
ATOM   101 C CA  . GLY   D 1 1 ? 7.912   0.063   6.443   1.00 119.71 ? 10  GLY   F CA  1 
ATOM   102 C C   . GLY   D 1 1 ? 9.360   -0.288  6.281   1.00 119.71 ? 10  GLY   F C   1 
ATOM   103 O O   . GLY   D 1 1 ? 9.701   -1.274  5.647   1.00 119.71 ? 10  GLY   F O   1 
ATOM   104 N N   . ALA   D 1 2 ? 10.220  0.542   6.837   1.00 125.79 ? 11  ALA   F N   1 
ATOM   105 C CA  . ALA   D 1 2 ? 11.616  0.197   7.006   1.00 125.79 ? 11  ALA   F CA  1 
ATOM   106 C C   . ALA   D 1 2 ? 11.704  -0.793  8.153   1.00 125.79 ? 11  ALA   F C   1 
ATOM   107 O O   . ALA   D 1 2 ? 11.150  -0.550  9.227   1.00 125.79 ? 11  ALA   F O   1 
ATOM   108 C CB  . ALA   D 1 2 ? 12.459  1.438   7.294   1.00 125.79 ? 11  ALA   F CB  1 
ATOM   109 N N   . VAL   D 1 3 ? 12.364  -1.917  7.922   1.00 130.65 ? 12  VAL   F N   1 
ATOM   110 C CA  . VAL   D 1 3 ? 12.561  -2.908  8.965   1.00 130.65 ? 12  VAL   F CA  1 
ATOM   111 C C   . VAL   D 1 3 ? 14.058  -3.064  9.194   1.00 130.65 ? 12  VAL   F C   1 
ATOM   112 O O   . VAL   D 1 3 ? 14.818  -3.344  8.261   1.00 130.65 ? 12  VAL   F O   1 
ATOM   113 C CB  . VAL   D 1 3 ? 11.890  -4.249  8.609   1.00 130.65 ? 12  VAL   F CB  1 
ATOM   114 C CG1 . VAL   D 1 3 ? 10.418  -4.067  8.410   1.00 130.65 ? 12  VAL   F CG1 1 
ATOM   115 C CG2 . VAL   D 1 3 ? 12.417  -4.793  7.373   1.00 130.65 ? 12  VAL   F CG2 1 
ATOM   116 N N   . GLU   D 1 4 ? 14.480  -2.857  10.430  1.00 133.99 ? 13  GLU   F N   1 
ATOM   117 C CA  . GLU   D 1 4 ? 15.861  -3.067  10.841  1.00 133.99 ? 13  GLU   F CA  1 
ATOM   118 C C   . GLU   D 1 4 ? 15.876  -4.322  11.690  1.00 133.99 ? 13  GLU   F C   1 
ATOM   119 O O   . GLU   D 1 4 ? 15.459  -4.298  12.853  1.00 133.99 ? 13  GLU   F O   1 
ATOM   120 C CB  . GLU   D 1 4 ? 16.414  -1.886  11.623  1.00 133.99 ? 13  GLU   F CB  1 
ATOM   121 C CG  . GLU   D 1 4 ? 17.910  -1.852  11.627  1.00 133.99 ? 13  GLU   F CG  1 
ATOM   122 C CD  . GLU   D 1 4 ? 18.449  -0.759  12.488  1.00 133.99 ? 13  GLU   F CD  1 
ATOM   123 O OE1 . GLU   D 1 4 ? 19.611  -0.361  12.299  1.00 133.99 ? 13  GLU   F OE1 1 
ATOM   124 O OE2 . GLU   D 1 4 ? 17.709  -0.308  13.373  1.00 133.99 ? 13  GLU   F OE2 1 
ATOM   125 N N   . VAL   D 1 5 ? 16.329  -5.418  11.106  1.00 136.44 ? 14  VAL   F N   1 
ATOM   126 C CA  . VAL   D 1 5 ? 16.069  -6.700  11.703  1.00 136.44 ? 14  VAL   F CA  1 
ATOM   127 C C   . VAL   D 1 5 ? 17.321  -7.502  11.924  1.00 136.44 ? 14  VAL   F C   1 
ATOM   128 O O   . VAL   D 1 5 ? 17.278  -8.507  12.624  1.00 136.44 ? 14  VAL   F O   1 
ATOM   129 C CB  . VAL   D 1 5 ? 15.119  -7.472  10.844  1.00 136.44 ? 14  VAL   F CB  1 
ATOM   130 C CG1 . VAL   D 1 5 ? 13.824  -6.708  10.712  1.00 136.44 ? 14  VAL   F CG1 1 
ATOM   131 C CG2 . VAL   D 1 5 ? 15.731  -7.697  9.506   1.00 136.44 ? 14  VAL   F CG2 1 
ATOM   132 O OXT . VAL   D 1 5 ? 18.378  -7.183  11.393  1.00 136.44 ? 14  VAL   F OXT 1 
ATOM   133 N N   . GLY   E 1 1 ? -10.818 1.167   -1.654  1.00 114.45 ? 1   GLY   C N   1 
ATOM   134 C CA  . GLY   E 1 1 ? -12.182 1.204   -1.199  1.00 114.45 ? 1   GLY   C CA  1 
ATOM   135 C C   . GLY   E 1 1 ? -12.859 -0.047  -1.671  1.00 114.45 ? 1   GLY   C C   1 
ATOM   136 O O   . GLY   E 1 1 ? -12.436 -0.664  -2.637  1.00 114.45 ? 1   GLY   C O   1 
ATOM   137 N N   . ALA   E 1 2 ? -13.909 -0.433  -0.973  1.00 113.13 ? 2   ALA   C N   1 
ATOM   138 C CA  . ALA   E 1 2 ? -14.748 -1.540  -1.381  1.00 113.13 ? 2   ALA   C CA  1 
ATOM   139 C C   . ALA   E 1 2 ? -16.158 -1.016  -1.565  1.00 113.13 ? 2   ALA   C C   1 
ATOM   140 O O   . ALA   E 1 2 ? -16.613 -0.171  -0.792  1.00 113.13 ? 2   ALA   C O   1 
ATOM   141 C CB  . ALA   E 1 2 ? -14.723 -2.663  -0.349  1.00 113.13 ? 2   ALA   C CB  1 
ATOM   142 N N   . VAL   E 1 3 ? -16.837 -1.487  -2.599  1.00 114.85 ? 3   VAL   C N   1 
ATOM   143 C CA  . VAL   E 1 3 ? -18.245 -1.186  -2.789  1.00 114.85 ? 3   VAL   C CA  1 
ATOM   144 C C   . VAL   E 1 3 ? -18.987 -2.503  -2.932  1.00 114.85 ? 3   VAL   C C   1 
ATOM   145 O O   . VAL   E 1 3 ? -18.635 -3.331  -3.778  1.00 114.85 ? 3   VAL   C O   1 
ATOM   146 C CB  . VAL   E 1 3 ? -18.479 -0.276  -4.000  1.00 114.85 ? 3   VAL   C CB  1 
ATOM   147 C CG1 . VAL   E 1 3 ? -19.947 -0.167  -4.286  1.00 114.85 ? 3   VAL   C CG1 1 
ATOM   148 C CG2 . VAL   E 1 3 ? -17.919 1.091   -3.725  1.00 114.85 ? 3   VAL   C CG2 1 
ATOM   149 N N   . GLU   E 1 4 ? -19.992 -2.702  -2.095  1.00 127.25 ? 4   GLU   C N   1 
ATOM   150 C CA  . GLU   E 1 4 ? -20.879 -3.854  -2.165  1.00 127.25 ? 4   GLU   C CA  1 
ATOM   151 C C   . GLU   E 1 4 ? -22.161 -3.382  -2.834  1.00 127.25 ? 4   GLU   C C   1 
ATOM   152 O O   . GLU   E 1 4 ? -23.008 -2.756  -2.199  1.00 127.25 ? 4   GLU   C O   1 
ATOM   153 C CB  . GLU   E 1 4 ? -21.170 -4.405  -0.796  1.00 127.25 ? 4   GLU   C CB  1 
ATOM   154 C CG  . GLU   E 1 4 ? -19.986 -4.987  -0.106  1.00 127.25 ? 4   GLU   C CG  1 
ATOM   155 C CD  . GLU   E 1 4 ? -19.490 -6.216  -0.798  1.00 127.25 ? 4   GLU   C CD  1 
ATOM   156 O OE1 . GLU   E 1 4 ? -20.321 -6.936  -1.384  1.00 127.25 ? 4   GLU   C OE1 1 
ATOM   157 O OE2 . GLU   E 1 4 ? -18.271 -6.471  -0.751  1.00 127.25 ? 4   GLU   C OE2 1 
ATOM   158 N N   . VAL   E 1 5 ? -22.292 -3.685  -4.117  1.00 128.29 ? 5   VAL   C N   1 
ATOM   159 C CA  . VAL   E 1 5 ? -23.465 -3.323  -4.897  1.00 128.29 ? 5   VAL   C CA  1 
ATOM   160 C C   . VAL   E 1 5 ? -23.647 -1.826  -5.011  1.00 128.29 ? 5   VAL   C C   1 
ATOM   161 O O   . VAL   E 1 5 ? -23.604 -1.279  -6.105  1.00 128.29 ? 5   VAL   C O   1 
ATOM   162 C CB  . VAL   E 1 5 ? -24.721 -3.953  -4.316  1.00 128.29 ? 5   VAL   C CB  1 
ATOM   163 C CG1 . VAL   E 1 5 ? -25.933 -3.477  -5.075  1.00 128.29 ? 5   VAL   C CG1 1 
ATOM   164 C CG2 . VAL   E 1 5 ? -24.612 -5.460  -4.372  1.00 128.29 ? 5   VAL   C CG2 1 
ATOM   165 O OXT . VAL   E 1 5 ? -23.851 -1.122  -4.031  1.00 128.29 ? 5   VAL   C OXT 1 
ATOM   166 N N   . GLY   F 1 1 ? 2.032   -3.087  9.728   1.00 113.74 ? 10  GLY   H N   1 
ATOM   167 C CA  . GLY   F 1 1 ? 3.426   -3.093  9.355   1.00 113.74 ? 10  GLY   H CA  1 
ATOM   168 C C   . GLY   F 1 1 ? 3.967   -4.492  9.228   1.00 113.74 ? 10  GLY   H C   1 
ATOM   169 O O   . GLY   F 1 1 ? 3.324   -5.390  8.697   1.00 113.74 ? 10  GLY   H O   1 
ATOM   170 N N   . ALA   F 1 2 ? 5.173   -4.677  9.734   1.00 113.01 ? 11  ALA   H N   1 
ATOM   171 C CA  . ALA   F 1 2 ? 5.832   -5.962  9.618   1.00 113.01 ? 11  ALA   H CA  1 
ATOM   172 C C   . ALA   F 1 2 ? 5.165   -6.984  10.518  1.00 113.01 ? 11  ALA   H C   1 
ATOM   173 O O   . ALA   F 1 2 ? 4.394   -6.633  11.412  1.00 113.01 ? 11  ALA   H O   1 
ATOM   174 C CB  . ALA   F 1 2 ? 7.307   -5.827  9.974   1.00 113.01 ? 11  ALA   H CB  1 
ATOM   175 N N   . VAL   F 1 3 ? 5.438   -8.252  10.263  1.00 117.81 ? 12  VAL   H N   1 
ATOM   176 C CA  . VAL   F 1 3 ? 5.137   -9.303  11.215  1.00 117.81 ? 12  VAL   H CA  1 
ATOM   177 C C   . VAL   F 1 3 ? 6.464   -9.980  11.526  1.00 117.81 ? 12  VAL   H C   1 
ATOM   178 O O   . VAL   F 1 3 ? 7.273   -10.235 10.630  1.00 117.81 ? 12  VAL   H O   1 
ATOM   179 C CB  . VAL   F 1 3 ? 4.111   -10.321 10.672  1.00 117.81 ? 12  VAL   H CB  1 
ATOM   180 C CG1 . VAL   F 1 3 ? 2.810   -9.651  10.306  1.00 117.81 ? 12  VAL   H CG1 1 
ATOM   181 C CG2 . VAL   F 1 3 ? 4.640   -11.080 9.545   1.00 117.81 ? 12  VAL   H CG2 1 
ATOM   182 N N   . GLU   F 1 4 ? 6.721   -10.225 12.804  1.00 126.05 ? 13  GLU   H N   1 
ATOM   183 C CA  . GLU   F 1 4 ? 7.857   -11.042 13.213  1.00 126.05 ? 13  GLU   H CA  1 
ATOM   184 C C   . GLU   F 1 4 ? 7.339   -12.373 13.712  1.00 126.05 ? 13  GLU   H C   1 
ATOM   185 O O   . GLU   F 1 4 ? 6.423   -12.411 14.535  1.00 126.05 ? 13  GLU   H O   1 
ATOM   186 C CB  . GLU   F 1 4 ? 8.695   -10.365 14.291  1.00 126.05 ? 13  GLU   H CB  1 
ATOM   187 C CG  . GLU   F 1 4 ? 9.400   -9.150  13.804  1.00 126.05 ? 13  GLU   H CG  1 
ATOM   188 C CD  . GLU   F 1 4 ? 8.504   -7.955  13.811  1.00 126.05 ? 13  GLU   H CD  1 
ATOM   189 O OE1 . GLU   F 1 4 ? 7.353   -8.097  14.262  1.00 126.05 ? 13  GLU   H OE1 1 
ATOM   190 O OE2 . GLU   F 1 4 ? 8.937   -6.879  13.355  1.00 126.05 ? 13  GLU   H OE2 1 
ATOM   191 N N   . VAL   F 1 5 ? 7.926   -13.451 13.212  1.00 121.01 ? 14  VAL   H N   1 
ATOM   192 C CA  . VAL   F 1 5 ? 7.565   -14.795 13.615  1.00 121.01 ? 14  VAL   H CA  1 
ATOM   193 C C   . VAL   F 1 5 ? 6.087   -15.013 13.354  1.00 121.01 ? 14  VAL   H C   1 
ATOM   194 O O   . VAL   F 1 5 ? 5.271   -14.998 14.265  1.00 121.01 ? 14  VAL   H O   1 
ATOM   195 C CB  . VAL   F 1 5 ? 7.918   -15.040 15.081  1.00 121.01 ? 14  VAL   H CB  1 
ATOM   196 C CG1 . VAL   F 1 5 ? 7.793   -16.496 15.412  1.00 121.01 ? 14  VAL   H CG1 1 
ATOM   197 C CG2 . VAL   F 1 5 ? 9.323   -14.568 15.358  1.00 121.01 ? 14  VAL   H CG2 1 
ATOM   198 O OXT . VAL   F 1 5 ? 5.672   -15.189 12.216  1.00 121.01 ? 14  VAL   H OXT 1 
HETATM 199 C C02 . A1B9Z G 2 . ? -1.402  2.274   -9.103  1.00 113.62 ? 101 A1B9Z A C02 1 
HETATM 200 C C36 . A1B9Z G 2 . ? -0.534  3.472   -8.720  1.00 113.62 ? 101 A1B9Z A C36 1 
HETATM 201 C C37 . A1B9Z G 2 . ? 0.314   3.099   -7.458  1.00 113.62 ? 101 A1B9Z A C37 1 
HETATM 202 C C38 . A1B9Z G 2 . ? -0.313  2.897   -6.246  1.00 113.62 ? 101 A1B9Z A C38 1 
HETATM 203 C C39 . A1B9Z G 2 . ? 0.436   2.578   -5.133  1.00 113.62 ? 101 A1B9Z A C39 1 
HETATM 204 C C40 . A1B9Z G 2 . ? 1.808   2.449   -5.258  1.00 113.62 ? 101 A1B9Z A C40 1 
HETATM 205 C C41 . A1B9Z G 2 . ? 2.647   2.134   -4.090  1.00 113.62 ? 101 A1B9Z A C41 1 
HETATM 206 C C42 . A1B9Z G 2 . ? 2.421   1.286   -3.017  1.00 113.62 ? 101 A1B9Z A C42 1 
HETATM 207 C C43 . A1B9Z G 2 . ? 3.492   1.297   -2.079  1.00 113.62 ? 101 A1B9Z A C43 1 
HETATM 208 C C44 . A1B9Z G 2 . ? 4.538   2.156   -2.423  1.00 113.62 ? 101 A1B9Z A C44 1 
HETATM 209 C C45 . A1B9Z G 2 . ? 5.842   2.460   -1.698  1.00 113.62 ? 101 A1B9Z A C45 1 
HETATM 210 C C46 . A1B9Z G 2 . ? 5.900   2.600   -0.343  1.00 113.62 ? 101 A1B9Z A C46 1 
HETATM 211 C C47 . A1B9Z G 2 . ? 7.102   2.891   0.253   1.00 113.62 ? 101 A1B9Z A C47 1 
HETATM 212 C C48 . A1B9Z G 2 . ? 8.221   3.056   -0.540  1.00 113.62 ? 101 A1B9Z A C48 1 
HETATM 213 C C49 . A1B9Z G 2 . ? 9.545   3.386   0.090   1.00 113.62 ? 101 A1B9Z A C49 1 
HETATM 214 C C50 . A1B9Z G 2 . ? 9.483   3.040   1.566   1.00 113.62 ? 101 A1B9Z A C50 1 
HETATM 215 C C85 . A1B9Z G 2 . ? 8.155   2.934   -1.895  1.00 113.62 ? 101 A1B9Z A C85 1 
HETATM 216 C C86 . A1B9Z G 2 . ? 6.955   2.642   -2.486  1.00 113.62 ? 101 A1B9Z A C86 1 
HETATM 217 C C88 . A1B9Z G 2 . ? 2.438   2.665   -6.462  1.00 113.62 ? 101 A1B9Z A C88 1 
HETATM 218 C C89 . A1B9Z G 2 . ? 1.681   2.990   -7.580  1.00 113.62 ? 101 A1B9Z A C89 1 
HETATM 219 O O01 . A1B9Z G 2 . ? -0.945  1.207   -9.122  1.00 113.62 ? 101 A1B9Z A O01 1 
HETATM 220 O O84 . A1B9Z G 2 . ? 9.133   3.851   2.357   1.00 113.62 ? 101 A1B9Z A O84 1 
HETATM 221 S S87 . A1B9Z G 2 . ? 4.127   2.879   -3.854  1.00 113.62 ? 101 A1B9Z A S87 1 
HETATM 222 C C02 . A1B9Z H 2 . ? -5.014  0.334   -4.861  1.00 116.06 ? 101 A1B9Z B C02 1 
HETATM 223 C C36 . A1B9Z H 2 . ? -4.932  1.232   -3.635  1.00 116.06 ? 101 A1B9Z B C36 1 
HETATM 224 C C37 . A1B9Z H 2 . ? -3.754  0.799   -2.700  1.00 116.06 ? 101 A1B9Z B C37 1 
HETATM 225 C C38 . A1B9Z H 2 . ? -4.079  0.318   -1.450  1.00 116.06 ? 101 A1B9Z B C38 1 
HETATM 226 C C39 . A1B9Z H 2 . ? -3.086  -0.065  -0.584  1.00 116.06 ? 101 A1B9Z B C39 1 
HETATM 227 C C40 . A1B9Z H 2 . ? -1.773  0.033   -0.993  1.00 116.06 ? 101 A1B9Z B C40 1 
HETATM 228 C C41 . A1B9Z H 2 . ? -0.723  -0.342  -0.041  1.00 116.06 ? 101 A1B9Z B C41 1 
HETATM 229 C C42 . A1B9Z H 2 . ? -0.868  -1.059  1.134   1.00 116.06 ? 101 A1B9Z B C42 1 
HETATM 230 C C43 . A1B9Z H 2 . ? 0.351   -1.190  1.838   1.00 116.06 ? 101 A1B9Z B C43 1 
HETATM 231 C C44 . A1B9Z H 2 . ? 1.425   -0.556  1.227   1.00 116.06 ? 101 A1B9Z B C44 1 
HETATM 232 C C45 . A1B9Z H 2 . ? 2.861   -0.486  1.707   1.00 116.06 ? 101 A1B9Z B C45 1 
HETATM 233 C C46 . A1B9Z H 2 . ? 3.794   -0.187  0.769   1.00 116.06 ? 101 A1B9Z B C46 1 
HETATM 234 C C47 . A1B9Z H 2 . ? 5.101   -0.101  1.142   1.00 116.06 ? 101 A1B9Z B C47 1 
HETATM 235 C C48 . A1B9Z H 2 . ? 5.445   -0.307  2.454   1.00 116.06 ? 101 A1B9Z B C48 1 
HETATM 236 C C49 . A1B9Z H 2 . ? 6.894   -0.199  2.810   1.00 116.06 ? 101 A1B9Z B C49 1 
HETATM 237 C C50 . A1B9Z H 2 . ? 6.955   0.417   4.191   1.00 116.06 ? 101 A1B9Z B C50 1 
HETATM 238 C C85 . A1B9Z H 2 . ? 4.510   -0.594  3.409   1.00 116.06 ? 101 A1B9Z B C85 1 
HETATM 239 C C86 . A1B9Z H 2 . ? 3.190   -0.690  3.031   1.00 116.06 ? 101 A1B9Z B C86 1 
HETATM 240 C C88 . A1B9Z H 2 . ? -1.435  0.526   -2.230  1.00 116.06 ? 101 A1B9Z B C88 1 
HETATM 241 C C89 . A1B9Z H 2 . ? -2.440  0.912   -3.106  1.00 116.06 ? 101 A1B9Z B C89 1 
HETATM 242 O O01 . A1B9Z H 2 . ? -4.214  -0.487  -5.034  1.00 116.06 ? 101 A1B9Z B O01 1 
HETATM 243 O O84 . A1B9Z H 2 . ? 6.850   1.600   4.320   1.00 116.06 ? 101 A1B9Z B O84 1 
HETATM 244 S S87 . A1B9Z H 2 . ? 0.873   0.156   -0.167  1.00 116.06 ? 101 A1B9Z B S87 1 
HETATM 245 C C02 . A1B9Z I 2 . ? -9.847  0.444   -0.875  1.00 116.59 ? 101 A1B9Z C C02 1 
HETATM 246 C C36 . A1B9Z I 2 . ? -9.293  -0.909  -1.380  1.00 116.59 ? 101 A1B9Z C C36 1 
HETATM 247 C C37 . A1B9Z I 2 . ? -8.156  -1.445  -0.427  1.00 116.59 ? 101 A1B9Z C C37 1 
HETATM 248 C C38 . A1B9Z I 2 . ? -6.919  -1.788  -0.942  1.00 116.59 ? 101 A1B9Z C C38 1 
HETATM 249 C C39 . A1B9Z I 2 . ? -5.929  -2.252  -0.102  1.00 116.59 ? 101 A1B9Z C C39 1 
HETATM 250 C C40 . A1B9Z I 2 . ? -6.197  -2.362  1.249   1.00 116.59 ? 101 A1B9Z C C40 1 
HETATM 251 C C41 . A1B9Z I 2 . ? -5.169  -2.862  2.168   1.00 116.59 ? 101 A1B9Z C C41 1 
HETATM 252 C C42 . A1B9Z I 2 . ? -5.041  -4.183  2.530   1.00 116.59 ? 101 A1B9Z C C42 1 
HETATM 253 C C43 . A1B9Z I 2 . ? -3.976  -4.390  3.428   1.00 116.59 ? 101 A1B9Z C C43 1 
HETATM 254 C C44 . A1B9Z I 2 . ? -3.279  -3.241  3.780   1.00 116.59 ? 101 A1B9Z C C44 1 
HETATM 255 C C45 . A1B9Z I 2 . ? -2.090  -3.280  4.727   1.00 116.59 ? 101 A1B9Z C C45 1 
HETATM 256 C C46 . A1B9Z I 2 . ? -0.881  -2.817  4.318   1.00 116.59 ? 101 A1B9Z C C46 1 
HETATM 257 C C47 . A1B9Z I 2 . ? 0.195   -2.882  5.164   1.00 116.59 ? 101 A1B9Z C C47 1 
HETATM 258 C C48 . A1B9Z I 2 . ? 0.053   -3.420  6.422   1.00 116.59 ? 101 A1B9Z C C48 1 
HETATM 259 C C49 . A1B9Z I 2 . ? 1.278   -3.473  7.304   1.00 116.59 ? 101 A1B9Z C C49 1 
HETATM 260 C C50 . A1B9Z I 2 . ? 1.070   -3.649  8.815   1.00 116.59 ? 101 A1B9Z C C50 1 
HETATM 261 C C85 . A1B9Z I 2 . ? -1.164  -3.904  6.813   1.00 116.59 ? 101 A1B9Z C C85 1 
HETATM 262 C C86 . A1B9Z I 2 . ? -2.246  -3.840  5.968   1.00 116.59 ? 101 A1B9Z C C86 1 
HETATM 263 C C88 . A1B9Z I 2 . ? -7.420  -2.035  1.772   1.00 116.59 ? 101 A1B9Z C C88 1 
HETATM 264 C C89 . A1B9Z I 2 . ? -8.412  -1.574  0.925   1.00 116.59 ? 101 A1B9Z C C89 1 
HETATM 265 O O01 . A1B9Z I 2 . ? -9.482  0.890   0.134   1.00 116.59 ? 101 A1B9Z C O01 1 
HETATM 266 O O84 . A1B9Z I 2 . ? 0.142   -4.276  9.241   1.00 116.59 ? 101 A1B9Z C O84 1 
HETATM 267 S S87 . A1B9Z I 2 . ? -3.980  -1.969  2.965   1.00 116.59 ? 101 A1B9Z C S87 1 
# 
